data_4J7M
#
_entry.id   4J7M
#
_cell.length_a   49.985
_cell.length_b   87.837
_cell.length_c   54.356
_cell.angle_alpha   90.00
_cell.angle_beta   111.69
_cell.angle_gamma   90.00
#
_symmetry.space_group_name_H-M   'P 1 21 1'
#
loop_
_entity.id
_entity.type
_entity.pdbx_description
1 polymer 'Protein Dom3Z'
2 polymer "RNA (5'-R(P*UP*(U37)P*(U37)P*UP*U)-3')"
3 non-polymer "URIDINE 3',5'-BIS(DIHYDROGEN PHOSPHATE)"
4 non-polymer 'CALCIUM ION'
5 water water
#
loop_
_entity_poly.entity_id
_entity_poly.type
_entity_poly.pdbx_seq_one_letter_code
_entity_poly.pdbx_strand_id
1 'polypeptide(L)'
;MGSSHHHHHHSSGLVPRGSHPSLRTQPSLYSGPFPFYRRPSELGCFSLDAQRQYHGDARALRYYSPPPINGPGPDFDLRD
GYPDRYQPRDEEVQERLDHLLRWVLEHRNQLEGGPGWLAGATVTWRGHLTKLLTTPYERQEGWQLAASRFQGTLYLSEVE
TPAARAQRLARPPLLRELMYMGYKFEQYMCADKPGGSPDPSGEVNTNVAYCSVLRSRLGNHPLLFSGEVDCLNPQAPCTQ
PPSCYVELKTSKEMHSPGQWRSFYRHKLLKWWAQSFLPGVPHVVAGFRNPEGFVCSLKTFPTMEMFENVRNDREGWNPSV
CMNFCAAFLSFAQSTVVQDDPRLVHLFSWEPGGPVTVSVHRDAPYAFLPSWYVETMTQ
;
A
2 'polyribonucleotide' U(U37)(U37)UU B
#
loop_
_chem_comp.id
_chem_comp.type
_chem_comp.name
_chem_comp.formula
CA non-polymer 'CALCIUM ION' 'Ca 2'
U RNA linking URIDINE-5'-MONOPHOSPHATE 'C9 H13 N2 O9 P'
U37 RNA linking 'URIDINE 5'-MONOTHIOPHOSPHATE' 'C9 H13 N2 O8 P S'
UBD RNA linking 'URIDINE 3',5'-BIS(DIHYDROGEN PHOSPHATE)' 'C9 H14 N2 O12 P2'
#
# COMPACT_ATOMS: atom_id res chain seq x y z
N PRO A 21 -7.27 -0.84 -27.81
CA PRO A 21 -7.62 -1.95 -26.90
C PRO A 21 -7.77 -1.50 -25.46
N SER A 22 -8.61 -2.21 -24.72
CA SER A 22 -8.86 -1.89 -23.32
C SER A 22 -8.97 -3.19 -22.52
N LEU A 23 -9.13 -3.07 -21.20
CA LEU A 23 -9.23 -4.23 -20.33
C LEU A 23 -10.45 -4.13 -19.42
N ARG A 24 -11.31 -5.16 -19.48
CA ARG A 24 -12.52 -5.20 -18.66
C ARG A 24 -12.20 -5.54 -17.21
N THR A 25 -13.08 -5.10 -16.30
CA THR A 25 -12.84 -5.31 -14.87
C THR A 25 -13.88 -6.11 -14.06
N GLN A 26 -14.95 -6.59 -14.69
CA GLN A 26 -15.98 -7.33 -13.96
C GLN A 26 -15.48 -8.61 -13.29
N PRO A 27 -15.87 -8.81 -12.03
CA PRO A 27 -15.47 -10.00 -11.25
C PRO A 27 -15.70 -11.32 -11.98
N SER A 28 -16.84 -11.42 -12.67
CA SER A 28 -17.19 -12.64 -13.39
C SER A 28 -16.10 -13.10 -14.36
N LEU A 29 -15.36 -12.15 -14.92
CA LEU A 29 -14.31 -12.49 -15.87
C LEU A 29 -13.02 -13.02 -15.23
N TYR A 30 -12.93 -12.94 -13.91
CA TYR A 30 -11.73 -13.39 -13.22
C TYR A 30 -12.02 -14.33 -12.05
N SER A 31 -13.14 -15.06 -12.15
N SER A 31 -13.13 -15.07 -12.14
CA SER A 31 -13.55 -15.98 -11.09
CA SER A 31 -13.54 -15.98 -11.07
C SER A 31 -12.88 -17.35 -11.11
C SER A 31 -12.87 -17.36 -11.10
N GLY A 32 -11.73 -17.46 -11.76
CA GLY A 32 -11.03 -18.73 -11.82
C GLY A 32 -10.25 -19.10 -10.56
N PRO A 33 -9.43 -20.15 -10.61
CA PRO A 33 -8.63 -20.59 -9.46
C PRO A 33 -7.64 -19.49 -9.03
N PHE A 34 -7.25 -19.52 -7.76
CA PHE A 34 -6.29 -18.54 -7.23
C PHE A 34 -4.96 -18.71 -7.97
N PRO A 35 -4.43 -17.63 -8.56
CA PRO A 35 -3.16 -17.72 -9.29
C PRO A 35 -1.92 -17.88 -8.41
N PHE A 36 -0.79 -18.15 -9.04
CA PHE A 36 0.45 -18.30 -8.29
C PHE A 36 0.90 -16.95 -7.77
N TYR A 37 1.25 -16.90 -6.50
CA TYR A 37 1.76 -15.68 -5.89
C TYR A 37 2.91 -16.09 -5.00
N ARG A 38 4.12 -15.69 -5.38
CA ARG A 38 5.31 -16.04 -4.62
C ARG A 38 5.33 -15.48 -3.21
N ARG A 39 5.75 -16.31 -2.27
CA ARG A 39 5.88 -15.88 -0.89
C ARG A 39 6.85 -14.70 -0.93
N PRO A 40 6.41 -13.51 -0.48
CA PRO A 40 7.28 -12.33 -0.50
C PRO A 40 8.55 -12.44 0.34
N SER A 41 9.65 -11.93 -0.20
CA SER A 41 10.93 -11.90 0.51
C SER A 41 11.34 -10.44 0.62
N GLU A 42 11.81 -10.05 1.80
CA GLU A 42 12.25 -8.66 1.96
C GLU A 42 13.67 -8.54 1.42
N LEU A 43 13.86 -7.64 0.46
CA LEU A 43 15.17 -7.41 -0.14
C LEU A 43 15.94 -6.35 0.65
N GLY A 44 15.19 -5.50 1.34
CA GLY A 44 15.83 -4.45 2.11
C GLY A 44 14.79 -3.49 2.63
N CYS A 45 15.24 -2.28 2.97
CA CYS A 45 14.34 -1.27 3.50
C CYS A 45 14.98 0.10 3.41
N PHE A 46 14.20 1.12 3.72
CA PHE A 46 14.68 2.48 3.78
C PHE A 46 13.73 3.28 4.65
N SER A 47 14.20 4.42 5.13
CA SER A 47 13.41 5.28 5.98
C SER A 47 13.40 6.71 5.47
N LEU A 48 12.33 7.43 5.78
CA LEU A 48 12.20 8.84 5.43
C LEU A 48 12.08 9.50 6.80
N ASP A 49 12.91 10.51 7.08
CA ASP A 49 12.87 11.15 8.40
C ASP A 49 11.87 12.30 8.53
N ALA A 50 11.92 12.99 9.66
CA ALA A 50 11.02 14.12 9.95
C ALA A 50 11.06 15.20 8.87
N GLN A 51 12.15 15.30 8.14
CA GLN A 51 12.28 16.30 7.08
C GLN A 51 12.11 15.66 5.70
N ARG A 52 11.59 14.44 5.69
CA ARG A 52 11.35 13.69 4.46
C ARG A 52 12.64 13.36 3.71
N GLN A 53 13.73 13.21 4.45
CA GLN A 53 15.02 12.86 3.85
C GLN A 53 15.18 11.35 3.87
N TYR A 54 15.69 10.81 2.78
CA TYR A 54 15.90 9.37 2.63
C TYR A 54 17.14 8.87 3.38
N HIS A 55 17.01 7.70 4.00
CA HIS A 55 18.12 7.05 4.70
C HIS A 55 18.00 5.57 4.39
N GLY A 56 19.08 5.00 3.87
CA GLY A 56 19.08 3.59 3.53
C GLY A 56 19.21 2.65 4.72
N ASP A 57 18.36 2.81 5.71
CA ASP A 57 18.37 1.95 6.89
C ASP A 57 17.00 1.92 7.55
N ALA A 58 16.90 1.20 8.66
CA ALA A 58 15.62 1.06 9.35
C ALA A 58 15.43 1.97 10.56
N ARG A 59 16.01 3.16 10.53
CA ARG A 59 15.87 4.07 11.67
C ARG A 59 14.43 4.46 11.98
N ALA A 60 13.56 4.45 10.98
CA ALA A 60 12.16 4.82 11.20
C ALA A 60 11.27 3.67 11.68
N LEU A 61 11.81 2.47 11.72
CA LEU A 61 11.05 1.31 12.15
C LEU A 61 10.64 1.44 13.62
N ARG A 62 9.38 1.20 13.92
CA ARG A 62 8.89 1.27 15.29
C ARG A 62 8.49 -0.14 15.75
N TYR A 63 8.25 -0.32 17.05
CA TYR A 63 7.90 -1.63 17.56
C TYR A 63 6.54 -1.73 18.21
N TYR A 64 5.81 -2.79 17.83
CA TYR A 64 4.47 -3.05 18.32
C TYR A 64 4.48 -3.12 19.85
N SER A 65 3.70 -2.25 20.48
CA SER A 65 3.64 -2.21 21.94
C SER A 65 2.22 -1.91 22.45
N PRO A 66 1.34 -2.92 22.41
CA PRO A 66 -0.04 -2.77 22.86
C PRO A 66 -0.14 -2.59 24.38
N PRO A 67 -1.32 -2.22 24.88
CA PRO A 67 -1.55 -2.00 26.32
C PRO A 67 -1.08 -3.15 27.22
N PRO A 68 -0.52 -2.84 28.40
CA PRO A 68 -0.04 -3.84 29.35
C PRO A 68 -1.11 -4.84 29.76
N ILE A 69 -0.72 -6.10 29.89
CA ILE A 69 -1.63 -7.19 30.26
C ILE A 69 -2.46 -6.99 31.52
N ASN A 70 -1.88 -6.34 32.54
CA ASN A 70 -2.59 -6.12 33.79
C ASN A 70 -3.26 -4.76 33.87
N GLY A 71 -2.77 -3.81 33.09
CA GLY A 71 -3.34 -2.47 33.10
C GLY A 71 -4.76 -2.39 32.57
N PRO A 72 -5.39 -1.21 32.66
CA PRO A 72 -6.77 -1.02 32.17
C PRO A 72 -6.82 -1.18 30.66
N GLY A 73 -8.03 -1.29 30.11
CA GLY A 73 -8.19 -1.43 28.67
C GLY A 73 -7.74 -0.20 27.92
N PRO A 74 -7.81 -0.21 26.58
CA PRO A 74 -7.40 0.96 25.79
C PRO A 74 -8.41 2.09 25.88
N ASP A 75 -7.91 3.31 25.91
CA ASP A 75 -8.74 4.50 25.96
C ASP A 75 -7.90 5.61 25.34
N PHE A 76 -7.40 5.36 24.13
CA PHE A 76 -6.55 6.32 23.44
C PHE A 76 -7.33 7.52 22.88
N ASP A 77 -6.91 8.73 23.22
CA ASP A 77 -7.56 9.94 22.73
C ASP A 77 -6.89 10.28 21.39
N LEU A 78 -7.53 9.91 20.28
CA LEU A 78 -6.95 10.16 18.97
C LEU A 78 -6.95 11.62 18.54
N ARG A 79 -7.68 12.47 19.25
CA ARG A 79 -7.72 13.90 18.91
C ARG A 79 -6.65 14.71 19.62
N ASP A 80 -6.04 14.13 20.65
CA ASP A 80 -5.02 14.84 21.39
C ASP A 80 -3.83 15.26 20.52
N GLY A 81 -3.52 16.55 20.55
CA GLY A 81 -2.40 17.06 19.76
C GLY A 81 -2.82 17.70 18.46
N TYR A 82 -4.08 17.51 18.08
CA TYR A 82 -4.57 18.09 16.84
C TYR A 82 -5.07 19.50 17.11
N PRO A 83 -4.59 20.49 16.36
CA PRO A 83 -3.61 20.38 15.27
C PRO A 83 -2.23 20.91 15.68
N ASP A 84 -2.09 21.34 16.93
CA ASP A 84 -0.84 21.91 17.43
C ASP A 84 0.42 21.04 17.32
N ARG A 85 0.28 19.74 17.57
CA ARG A 85 1.43 18.85 17.47
C ARG A 85 1.33 17.97 16.24
N TYR A 86 0.90 18.59 15.14
CA TYR A 86 0.73 17.91 13.86
C TYR A 86 1.60 18.56 12.78
N GLN A 87 2.45 17.76 12.16
CA GLN A 87 3.34 18.22 11.10
C GLN A 87 3.05 17.33 9.89
N PRO A 88 2.03 17.69 9.10
CA PRO A 88 1.62 16.94 7.91
C PRO A 88 2.55 17.05 6.71
N ARG A 89 2.77 15.92 6.04
CA ARG A 89 3.61 15.90 4.85
C ARG A 89 2.97 16.81 3.81
N ASP A 90 3.80 17.45 2.99
CA ASP A 90 3.31 18.35 1.96
C ASP A 90 2.79 17.52 0.79
N GLU A 91 1.47 17.39 0.71
CA GLU A 91 0.85 16.59 -0.35
C GLU A 91 1.05 17.15 -1.76
N GLU A 92 1.43 18.41 -1.87
CA GLU A 92 1.65 19.01 -3.18
C GLU A 92 2.90 18.43 -3.83
N VAL A 93 3.82 17.92 -3.02
CA VAL A 93 5.05 17.32 -3.53
C VAL A 93 4.76 15.91 -4.04
N GLN A 94 4.84 15.73 -5.35
CA GLN A 94 4.59 14.43 -5.96
C GLN A 94 5.91 13.67 -6.10
N GLU A 95 6.21 12.80 -5.14
CA GLU A 95 7.45 12.05 -5.15
C GLU A 95 7.47 10.88 -6.14
N ARG A 96 6.29 10.41 -6.51
CA ARG A 96 6.17 9.28 -7.42
C ARG A 96 7.04 8.11 -6.96
N LEU A 97 7.86 7.53 -7.82
CA LEU A 97 8.68 6.38 -7.41
C LEU A 97 10.09 6.76 -6.93
N ASP A 98 10.38 8.05 -6.89
CA ASP A 98 11.71 8.52 -6.52
C ASP A 98 12.45 7.81 -5.39
N HIS A 99 11.81 7.62 -4.24
CA HIS A 99 12.50 6.97 -3.14
C HIS A 99 12.81 5.50 -3.42
N LEU A 100 11.86 4.81 -4.05
CA LEU A 100 12.06 3.41 -4.39
C LEU A 100 13.17 3.30 -5.45
N LEU A 101 13.20 4.24 -6.38
CA LEU A 101 14.23 4.23 -7.43
C LEU A 101 15.62 4.42 -6.82
N ARG A 102 15.71 5.24 -5.78
CA ARG A 102 17.00 5.44 -5.14
C ARG A 102 17.46 4.11 -4.52
N TRP A 103 16.53 3.41 -3.87
CA TRP A 103 16.90 2.13 -3.26
C TRP A 103 17.37 1.16 -4.35
N VAL A 104 16.62 1.06 -5.45
CA VAL A 104 16.99 0.16 -6.53
C VAL A 104 18.36 0.51 -7.09
N LEU A 105 18.59 1.81 -7.32
CA LEU A 105 19.87 2.26 -7.86
C LEU A 105 21.02 1.85 -6.94
N GLU A 106 20.81 2.03 -5.64
CA GLU A 106 21.85 1.71 -4.66
C GLU A 106 21.97 0.22 -4.33
N HIS A 107 21.16 -0.61 -4.98
CA HIS A 107 21.22 -2.05 -4.74
C HIS A 107 21.19 -2.85 -6.04
N ARG A 108 21.24 -2.16 -7.17
CA ARG A 108 21.17 -2.81 -8.47
C ARG A 108 22.15 -3.94 -8.72
N ASN A 109 23.33 -3.88 -8.12
CA ASN A 109 24.32 -4.93 -8.31
C ASN A 109 24.36 -5.88 -7.11
N GLN A 110 23.25 -5.93 -6.38
CA GLN A 110 23.15 -6.79 -5.21
C GLN A 110 21.79 -7.47 -5.17
N LEU A 111 21.03 -7.36 -6.26
CA LEU A 111 19.71 -7.96 -6.35
C LEU A 111 19.81 -9.46 -6.59
N GLU A 112 18.97 -10.23 -5.91
CA GLU A 112 18.96 -11.68 -6.10
C GLU A 112 18.14 -11.96 -7.35
N GLY A 113 17.95 -13.24 -7.65
CA GLY A 113 17.18 -13.60 -8.84
C GLY A 113 18.05 -13.89 -10.04
N GLY A 114 19.34 -13.62 -9.91
CA GLY A 114 20.26 -13.87 -11.00
C GLY A 114 20.33 -12.75 -12.02
N PRO A 115 21.25 -12.84 -12.98
CA PRO A 115 21.41 -11.82 -14.03
C PRO A 115 20.12 -11.57 -14.82
N GLY A 116 19.88 -10.31 -15.14
CA GLY A 116 18.70 -9.95 -15.90
C GLY A 116 17.38 -10.04 -15.15
N TRP A 117 17.41 -10.31 -13.86
CA TRP A 117 16.17 -10.40 -13.10
C TRP A 117 15.36 -9.11 -13.16
N LEU A 118 16.01 -7.99 -12.84
CA LEU A 118 15.32 -6.71 -12.83
C LEU A 118 14.73 -6.37 -14.19
N ALA A 119 15.44 -6.73 -15.26
CA ALA A 119 14.98 -6.44 -16.61
C ALA A 119 13.66 -7.13 -16.92
N GLY A 120 13.36 -8.23 -16.24
CA GLY A 120 12.11 -8.93 -16.50
C GLY A 120 11.06 -8.68 -15.45
N ALA A 121 11.31 -7.72 -14.58
CA ALA A 121 10.37 -7.42 -13.49
C ALA A 121 9.54 -6.16 -13.71
N THR A 122 8.60 -5.95 -12.79
CA THR A 122 7.75 -4.77 -12.79
C THR A 122 8.04 -4.12 -11.44
N VAL A 123 8.36 -2.83 -11.47
CA VAL A 123 8.69 -2.09 -10.26
C VAL A 123 7.60 -1.07 -9.95
N THR A 124 7.13 -1.07 -8.71
CA THR A 124 6.06 -0.14 -8.35
C THR A 124 5.88 -0.09 -6.84
N TRP A 125 4.94 0.74 -6.38
CA TRP A 125 4.64 0.84 -4.95
C TRP A 125 3.56 -0.18 -4.62
N ARG A 126 3.62 -0.77 -3.43
CA ARG A 126 2.62 -1.73 -3.00
C ARG A 126 1.22 -1.14 -3.14
N GLY A 127 1.07 0.13 -2.78
CA GLY A 127 -0.23 0.78 -2.85
C GLY A 127 -0.84 0.81 -4.25
N HIS A 128 0.02 0.83 -5.26
CA HIS A 128 -0.47 0.84 -6.65
C HIS A 128 -1.04 -0.53 -6.94
N LEU A 129 -0.34 -1.58 -6.48
CA LEU A 129 -0.82 -2.94 -6.69
C LEU A 129 -2.14 -3.15 -5.94
N THR A 130 -2.25 -2.57 -4.75
CA THR A 130 -3.48 -2.69 -3.95
C THR A 130 -4.68 -2.16 -4.73
N LYS A 131 -4.50 -1.03 -5.39
CA LYS A 131 -5.58 -0.44 -6.17
C LYS A 131 -5.97 -1.35 -7.34
N LEU A 132 -5.01 -2.09 -7.87
CA LEU A 132 -5.31 -3.01 -8.96
C LEU A 132 -6.17 -4.16 -8.41
N LEU A 133 -5.74 -4.72 -7.29
CA LEU A 133 -6.46 -5.82 -6.67
C LEU A 133 -7.93 -5.50 -6.36
N THR A 134 -8.21 -4.28 -5.91
CA THR A 134 -9.57 -3.93 -5.55
C THR A 134 -10.43 -3.40 -6.69
N THR A 135 -9.83 -3.21 -7.85
CA THR A 135 -10.54 -2.66 -9.01
C THR A 135 -11.84 -3.37 -9.38
N PRO A 136 -11.86 -4.71 -9.38
CA PRO A 136 -13.09 -5.41 -9.75
C PRO A 136 -14.28 -5.12 -8.83
N TYR A 137 -14.00 -4.66 -7.62
CA TYR A 137 -15.07 -4.39 -6.64
C TYR A 137 -15.26 -2.93 -6.31
N GLU A 138 -14.31 -2.09 -6.69
CA GLU A 138 -14.37 -0.67 -6.39
C GLU A 138 -15.45 0.06 -7.19
N ARG A 139 -16.29 0.81 -6.51
CA ARG A 139 -17.35 1.53 -7.22
C ARG A 139 -17.36 3.04 -7.01
N GLN A 140 -16.42 3.56 -6.23
CA GLN A 140 -16.39 4.99 -5.98
C GLN A 140 -15.20 5.77 -6.54
N GLU A 141 -13.99 5.24 -6.35
CA GLU A 141 -12.80 5.94 -6.82
C GLU A 141 -12.00 5.25 -7.92
N GLY A 142 -11.76 5.98 -8.99
CA GLY A 142 -10.99 5.44 -10.10
C GLY A 142 -9.51 5.74 -9.90
N TRP A 143 -8.71 5.44 -10.91
CA TRP A 143 -7.29 5.70 -10.81
C TRP A 143 -6.62 5.84 -12.17
N GLN A 144 -5.36 6.26 -12.14
CA GLN A 144 -4.55 6.40 -13.34
C GLN A 144 -3.16 5.91 -12.98
N LEU A 145 -2.59 5.06 -13.83
CA LEU A 145 -1.26 4.54 -13.61
C LEU A 145 -0.39 4.80 -14.83
N ALA A 146 0.71 5.50 -14.64
CA ALA A 146 1.64 5.80 -15.72
C ALA A 146 2.62 4.62 -15.81
N ALA A 147 2.89 4.16 -17.02
CA ALA A 147 3.80 3.05 -17.22
C ALA A 147 4.89 3.40 -18.23
N SER A 148 6.12 3.05 -17.88
CA SER A 148 7.26 3.28 -18.75
C SER A 148 8.17 2.07 -18.69
N ARG A 149 8.64 1.61 -19.86
CA ARG A 149 9.56 0.48 -19.87
C ARG A 149 10.95 1.09 -20.06
N PHE A 150 11.91 0.61 -19.27
CA PHE A 150 13.27 1.12 -19.36
C PHE A 150 14.22 -0.02 -19.03
N GLN A 151 15.01 -0.40 -20.02
CA GLN A 151 15.96 -1.51 -19.90
C GLN A 151 15.22 -2.79 -19.54
N GLY A 152 14.10 -3.00 -20.22
CA GLY A 152 13.29 -4.19 -20.03
C GLY A 152 12.27 -4.07 -18.91
N THR A 153 12.71 -3.48 -17.80
CA THR A 153 11.86 -3.31 -16.63
C THR A 153 10.65 -2.44 -16.90
N LEU A 154 9.50 -2.85 -16.37
CA LEU A 154 8.29 -2.07 -16.52
C LEU A 154 8.06 -1.33 -15.20
N TYR A 155 7.95 -0.01 -15.27
CA TYR A 155 7.72 0.79 -14.08
C TYR A 155 6.30 1.33 -14.08
N LEU A 156 5.64 1.25 -12.93
CA LEU A 156 4.26 1.73 -12.80
C LEU A 156 4.21 2.77 -11.70
N SER A 157 3.73 3.97 -12.05
CA SER A 157 3.64 5.06 -11.08
C SER A 157 2.27 5.73 -11.16
N GLU A 158 1.59 5.82 -10.04
CA GLU A 158 0.25 6.41 -10.03
C GLU A 158 0.25 7.91 -10.29
N VAL A 159 -0.80 8.35 -10.99
CA VAL A 159 -0.98 9.77 -11.30
C VAL A 159 -2.26 10.18 -10.60
N GLU A 160 -2.23 11.28 -9.85
CA GLU A 160 -3.43 11.75 -9.17
C GLU A 160 -4.38 12.27 -10.24
N THR A 161 -5.61 11.79 -10.26
CA THR A 161 -6.57 12.22 -11.26
C THR A 161 -7.07 13.63 -10.95
N PRO A 162 -7.57 14.34 -11.98
CA PRO A 162 -8.08 15.70 -11.79
C PRO A 162 -9.12 15.72 -10.68
N ALA A 163 -9.99 14.72 -10.67
CA ALA A 163 -11.05 14.63 -9.68
C ALA A 163 -10.48 14.38 -8.28
N ALA A 164 -9.53 13.46 -8.16
CA ALA A 164 -8.93 13.17 -6.87
C ALA A 164 -8.23 14.41 -6.32
N ARG A 165 -7.61 15.18 -7.19
CA ARG A 165 -6.91 16.40 -6.78
C ARG A 165 -7.94 17.39 -6.23
N ALA A 166 -9.07 17.54 -6.94
CA ALA A 166 -10.13 18.45 -6.53
C ALA A 166 -10.71 18.05 -5.18
N GLN A 167 -10.89 16.75 -4.97
CA GLN A 167 -11.43 16.25 -3.71
C GLN A 167 -10.43 16.50 -2.57
N ARG A 168 -9.15 16.38 -2.88
CA ARG A 168 -8.10 16.61 -1.90
C ARG A 168 -8.13 18.06 -1.46
N LEU A 169 -8.24 18.97 -2.42
CA LEU A 169 -8.26 20.39 -2.11
C LEU A 169 -9.52 20.79 -1.34
N ALA A 170 -10.64 20.09 -1.60
CA ALA A 170 -11.91 20.38 -0.94
C ALA A 170 -12.15 19.52 0.29
N ARG A 171 -11.07 18.95 0.83
CA ARG A 171 -11.16 18.10 2.00
C ARG A 171 -11.84 18.79 3.19
N PRO A 172 -12.96 18.24 3.67
CA PRO A 172 -13.69 18.80 4.81
C PRO A 172 -12.86 18.78 6.09
N PRO A 173 -13.09 19.74 6.99
CA PRO A 173 -12.34 19.81 8.26
C PRO A 173 -12.41 18.50 9.04
N LEU A 174 -13.59 17.89 9.07
CA LEU A 174 -13.79 16.63 9.77
C LEU A 174 -12.85 15.55 9.24
N LEU A 175 -12.75 15.46 7.92
CA LEU A 175 -11.90 14.46 7.29
C LEU A 175 -10.44 14.72 7.62
N ARG A 176 -10.06 15.98 7.66
CA ARG A 176 -8.68 16.35 7.98
C ARG A 176 -8.34 15.85 9.38
N GLU A 177 -9.29 15.97 10.30
CA GLU A 177 -9.07 15.52 11.66
C GLU A 177 -9.04 13.99 11.74
N LEU A 178 -9.89 13.34 10.96
CA LEU A 178 -9.91 11.88 10.96
C LEU A 178 -8.58 11.33 10.44
N MET A 179 -7.97 12.05 9.51
CA MET A 179 -6.69 11.64 8.96
C MET A 179 -5.62 11.71 10.04
N TYR A 180 -5.67 12.76 10.86
CA TYR A 180 -4.72 12.91 11.94
C TYR A 180 -4.88 11.74 12.92
N MET A 181 -6.14 11.45 13.24
CA MET A 181 -6.46 10.40 14.19
C MET A 181 -5.87 9.04 13.83
N GLY A 182 -5.85 8.72 12.54
CA GLY A 182 -5.28 7.45 12.13
C GLY A 182 -3.79 7.39 12.46
N TYR A 183 -3.09 8.48 12.21
CA TYR A 183 -1.66 8.53 12.50
C TYR A 183 -1.44 8.55 14.02
N LYS A 184 -2.30 9.26 14.74
CA LYS A 184 -2.17 9.36 16.18
C LYS A 184 -2.29 7.98 16.83
N PHE A 185 -3.15 7.14 16.28
CA PHE A 185 -3.34 5.78 16.79
C PHE A 185 -2.02 5.03 16.80
N GLU A 186 -1.25 5.15 15.72
CA GLU A 186 0.05 4.49 15.61
C GLU A 186 0.95 4.87 16.78
N GLN A 187 0.88 6.14 17.17
CA GLN A 187 1.69 6.67 18.27
C GLN A 187 1.35 6.05 19.63
N TYR A 188 0.10 5.64 19.81
CA TYR A 188 -0.34 5.01 21.06
C TYR A 188 0.01 3.52 21.09
N MET A 189 0.30 2.96 19.92
CA MET A 189 0.57 1.52 19.80
C MET A 189 2.00 1.09 19.49
N CYS A 190 2.89 2.05 19.28
CA CYS A 190 4.27 1.73 18.94
C CYS A 190 5.30 2.39 19.84
N ALA A 191 6.44 1.72 20.01
CA ALA A 191 7.51 2.24 20.84
C ALA A 191 8.74 2.39 19.96
N ASP A 192 9.68 3.23 20.37
CA ASP A 192 10.89 3.43 19.59
C ASP A 192 11.87 2.28 19.73
N LYS A 193 11.71 1.48 20.78
CA LYS A 193 12.59 0.34 21.02
C LYS A 193 11.78 -0.92 21.33
N PRO A 194 12.35 -2.10 21.02
CA PRO A 194 11.65 -3.36 21.28
C PRO A 194 11.31 -3.51 22.76
N GLY A 195 10.04 -3.76 23.04
CA GLY A 195 9.61 -3.91 24.42
C GLY A 195 9.51 -2.59 25.16
N GLY A 196 9.70 -1.49 24.43
CA GLY A 196 9.61 -0.18 25.05
C GLY A 196 8.16 0.25 25.21
N SER A 197 7.95 1.46 25.71
CA SER A 197 6.59 1.96 25.90
C SER A 197 6.29 3.14 24.99
N PRO A 198 5.05 3.21 24.49
CA PRO A 198 4.64 4.31 23.60
C PRO A 198 4.77 5.65 24.31
N ASP A 199 4.95 6.70 23.53
CA ASP A 199 5.06 8.05 24.08
C ASP A 199 4.22 8.98 23.22
N PRO A 200 2.96 9.20 23.62
CA PRO A 200 2.01 10.07 22.90
C PRO A 200 2.24 11.56 23.09
N SER A 201 3.22 11.92 23.91
CA SER A 201 3.50 13.33 24.17
C SER A 201 4.20 14.01 23.01
N GLY A 202 4.63 13.23 22.02
CA GLY A 202 5.33 13.79 20.89
C GLY A 202 4.41 14.37 19.82
N GLU A 203 5.00 14.74 18.70
CA GLU A 203 4.23 15.30 17.61
C GLU A 203 4.00 14.24 16.54
N VAL A 204 2.91 14.40 15.79
CA VAL A 204 2.61 13.47 14.71
C VAL A 204 3.16 14.12 13.44
N ASN A 205 4.27 13.57 12.94
CA ASN A 205 4.93 14.08 11.74
C ASN A 205 4.78 13.01 10.67
N THR A 206 3.93 13.26 9.68
CA THR A 206 3.70 12.27 8.65
C THR A 206 4.75 12.19 7.55
N ASN A 207 5.86 12.89 7.73
CA ASN A 207 6.94 12.80 6.75
C ASN A 207 7.70 11.52 7.08
N VAL A 208 7.72 11.16 8.35
CA VAL A 208 8.42 9.97 8.82
C VAL A 208 7.77 8.69 8.31
N ALA A 209 8.59 7.77 7.79
CA ALA A 209 8.07 6.51 7.28
C ALA A 209 9.15 5.45 7.17
N TYR A 210 8.76 4.20 7.40
CA TYR A 210 9.67 3.06 7.28
C TYR A 210 9.08 2.22 6.16
N CYS A 211 9.90 1.94 5.14
CA CYS A 211 9.45 1.16 4.00
C CYS A 211 10.21 -0.14 3.80
N SER A 212 9.46 -1.21 3.58
CA SER A 212 10.06 -2.51 3.31
C SER A 212 10.11 -2.65 1.80
N VAL A 213 11.19 -3.22 1.27
CA VAL A 213 11.32 -3.43 -0.17
C VAL A 213 11.23 -4.94 -0.37
N LEU A 214 10.27 -5.38 -1.17
CA LEU A 214 10.07 -6.80 -1.35
C LEU A 214 10.07 -7.35 -2.76
N ARG A 215 10.31 -8.65 -2.84
CA ARG A 215 10.33 -9.37 -4.10
C ARG A 215 9.20 -10.40 -4.08
N SER A 216 8.46 -10.48 -5.17
CA SER A 216 7.41 -11.48 -5.30
C SER A 216 7.21 -11.80 -6.78
N ARG A 217 6.11 -12.46 -7.09
CA ARG A 217 5.81 -12.80 -8.47
C ARG A 217 4.35 -13.23 -8.51
N LEU A 218 3.60 -12.63 -9.42
CA LEU A 218 2.19 -12.96 -9.61
C LEU A 218 2.13 -13.59 -11.00
N GLY A 219 1.72 -14.85 -11.07
CA GLY A 219 1.67 -15.52 -12.36
C GLY A 219 3.10 -15.54 -12.90
N ASN A 220 3.27 -15.11 -14.14
N ASN A 220 3.27 -15.11 -14.14
CA ASN A 220 4.60 -15.08 -14.74
CA ASN A 220 4.60 -15.08 -14.75
C ASN A 220 5.18 -13.67 -14.68
C ASN A 220 5.18 -13.67 -14.68
N HIS A 221 4.70 -12.88 -13.72
CA HIS A 221 5.16 -11.50 -13.56
C HIS A 221 5.98 -11.25 -12.31
N PRO A 222 7.34 -11.21 -12.44
CA PRO A 222 8.19 -10.95 -11.28
C PRO A 222 7.91 -9.53 -10.79
N LEU A 223 7.94 -9.33 -9.47
CA LEU A 223 7.64 -8.00 -8.92
C LEU A 223 8.66 -7.50 -7.91
N LEU A 224 8.90 -6.20 -7.94
CA LEU A 224 9.80 -5.55 -6.99
C LEU A 224 8.97 -4.36 -6.54
N PHE A 225 8.58 -4.34 -5.28
CA PHE A 225 7.78 -3.24 -4.78
C PHE A 225 8.10 -2.92 -3.33
N SER A 226 7.69 -1.74 -2.89
N SER A 226 7.68 -1.75 -2.90
CA SER A 226 7.93 -1.32 -1.53
CA SER A 226 7.92 -1.33 -1.53
C SER A 226 6.64 -0.75 -0.94
C SER A 226 6.63 -0.77 -0.94
N GLY A 227 6.54 -0.80 0.38
CA GLY A 227 5.35 -0.29 1.03
C GLY A 227 5.69 0.07 2.44
N GLU A 228 5.01 1.09 2.97
CA GLU A 228 5.24 1.52 4.33
C GLU A 228 4.75 0.43 5.28
N VAL A 229 5.49 0.24 6.36
CA VAL A 229 5.18 -0.76 7.37
C VAL A 229 5.09 -0.02 8.70
N ASP A 230 4.03 -0.28 9.46
CA ASP A 230 3.81 0.39 10.73
C ASP A 230 4.74 0.01 11.86
N CYS A 231 4.97 -1.28 12.04
CA CYS A 231 5.83 -1.72 13.10
C CYS A 231 6.20 -3.18 13.03
N LEU A 232 7.20 -3.54 13.82
CA LEU A 232 7.69 -4.90 13.93
C LEU A 232 7.27 -5.38 15.31
N ASN A 233 6.72 -6.59 15.36
CA ASN A 233 6.26 -7.15 16.62
C ASN A 233 7.25 -8.17 17.14
N PRO A 234 7.92 -7.87 18.25
CA PRO A 234 8.91 -8.80 18.82
C PRO A 234 8.26 -10.12 19.24
N GLN A 235 6.95 -10.11 19.44
CA GLN A 235 6.20 -11.29 19.86
C GLN A 235 5.63 -12.10 18.70
N ALA A 236 5.94 -11.69 17.48
CA ALA A 236 5.44 -12.39 16.30
C ALA A 236 5.92 -13.84 16.23
N PRO A 237 5.04 -14.77 15.82
CA PRO A 237 5.38 -16.18 15.71
C PRO A 237 6.68 -16.37 14.93
N CYS A 238 6.79 -15.66 13.81
CA CYS A 238 7.98 -15.72 12.97
C CYS A 238 8.66 -14.35 13.08
N THR A 239 9.93 -14.36 13.48
CA THR A 239 10.68 -13.11 13.65
C THR A 239 11.33 -12.59 12.37
N GLN A 240 11.25 -13.36 11.29
CA GLN A 240 11.86 -12.96 10.02
C GLN A 240 10.88 -12.11 9.20
N PRO A 241 11.31 -10.92 8.76
CA PRO A 241 10.41 -10.08 7.96
C PRO A 241 10.08 -10.78 6.64
N PRO A 242 8.88 -10.49 6.08
CA PRO A 242 7.86 -9.58 6.60
C PRO A 242 6.88 -10.20 7.61
N SER A 243 7.10 -11.46 7.96
CA SER A 243 6.21 -12.16 8.89
C SER A 243 6.12 -11.54 10.28
N CYS A 244 7.15 -10.78 10.67
CA CYS A 244 7.17 -10.15 11.98
C CYS A 244 6.51 -8.76 11.99
N TYR A 245 6.04 -8.31 10.84
CA TYR A 245 5.41 -6.99 10.77
C TYR A 245 3.94 -7.00 11.14
N VAL A 246 3.45 -5.84 11.54
CA VAL A 246 2.06 -5.66 11.91
C VAL A 246 1.54 -4.40 11.24
N GLU A 247 0.30 -4.44 10.79
CA GLU A 247 -0.34 -3.30 10.15
C GLU A 247 -1.37 -2.74 11.13
N LEU A 248 -1.35 -1.43 11.36
CA LEU A 248 -2.30 -0.81 12.29
C LEU A 248 -3.42 -0.10 11.53
N LYS A 249 -4.62 -0.11 12.09
CA LYS A 249 -5.77 0.54 11.45
C LYS A 249 -6.75 1.02 12.50
N THR A 250 -7.57 2.02 12.14
CA THR A 250 -8.62 2.46 13.06
C THR A 250 -9.89 2.33 12.23
N SER A 251 -11.03 2.21 12.91
CA SER A 251 -12.30 2.10 12.22
C SER A 251 -13.39 2.42 13.23
N LYS A 252 -14.55 2.83 12.74
CA LYS A 252 -15.65 3.17 13.66
C LYS A 252 -16.08 1.95 14.45
N GLU A 253 -16.46 2.17 15.70
CA GLU A 253 -16.92 1.10 16.55
C GLU A 253 -18.20 0.58 15.91
N MET A 254 -18.40 -0.74 15.92
CA MET A 254 -19.60 -1.33 15.33
C MET A 254 -20.41 -2.08 16.38
N HIS A 255 -21.73 -2.02 16.25
CA HIS A 255 -22.59 -2.68 17.22
C HIS A 255 -23.57 -3.70 16.62
N SER A 256 -24.04 -3.44 15.40
CA SER A 256 -24.99 -4.35 14.76
C SER A 256 -24.36 -5.27 13.73
N PRO A 257 -24.96 -6.47 13.55
CA PRO A 257 -24.44 -7.43 12.57
C PRO A 257 -24.42 -6.79 11.19
N GLY A 258 -25.34 -5.85 10.96
CA GLY A 258 -25.40 -5.18 9.68
C GLY A 258 -24.18 -4.31 9.44
N GLN A 259 -23.70 -3.66 10.51
CA GLN A 259 -22.51 -2.81 10.41
C GLN A 259 -21.28 -3.67 10.16
N TRP A 260 -21.19 -4.78 10.88
CA TRP A 260 -20.05 -5.67 10.70
C TRP A 260 -20.01 -6.22 9.28
N ARG A 261 -21.19 -6.56 8.76
CA ARG A 261 -21.28 -7.09 7.41
C ARG A 261 -20.75 -6.12 6.36
N SER A 262 -21.13 -4.84 6.48
CA SER A 262 -20.67 -3.82 5.55
C SER A 262 -19.15 -3.69 5.67
N PHE A 263 -18.67 -3.78 6.90
CA PHE A 263 -17.24 -3.70 7.20
C PHE A 263 -16.49 -4.84 6.51
N TYR A 264 -17.04 -6.04 6.59
CA TYR A 264 -16.41 -7.20 5.97
C TYR A 264 -16.37 -7.09 4.45
N ARG A 265 -17.45 -6.55 3.88
CA ARG A 265 -17.57 -6.42 2.44
C ARG A 265 -16.76 -5.34 1.77
N HIS A 266 -16.51 -4.25 2.49
CA HIS A 266 -15.77 -3.14 1.88
C HIS A 266 -14.41 -2.87 2.51
N LYS A 267 -14.40 -2.62 3.81
CA LYS A 267 -13.14 -2.31 4.47
C LYS A 267 -12.16 -3.48 4.50
N LEU A 268 -12.60 -4.67 4.93
CA LEU A 268 -11.68 -5.79 4.97
C LEU A 268 -11.05 -6.09 3.61
N LEU A 269 -11.78 -5.85 2.53
CA LEU A 269 -11.23 -6.08 1.20
C LEU A 269 -9.96 -5.25 1.04
N LYS A 270 -10.06 -3.98 1.39
CA LYS A 270 -8.91 -3.08 1.28
C LYS A 270 -7.79 -3.47 2.25
N TRP A 271 -8.16 -3.83 3.47
CA TRP A 271 -7.15 -4.23 4.46
C TRP A 271 -6.44 -5.50 3.98
N TRP A 272 -7.22 -6.46 3.47
CA TRP A 272 -6.65 -7.70 2.99
C TRP A 272 -5.67 -7.47 1.85
N ALA A 273 -6.12 -6.75 0.83
CA ALA A 273 -5.29 -6.49 -0.34
C ALA A 273 -3.95 -5.86 0.06
N GLN A 274 -4.03 -4.82 0.89
CA GLN A 274 -2.84 -4.11 1.32
C GLN A 274 -1.79 -4.95 2.04
N SER A 275 -2.24 -5.78 2.98
CA SER A 275 -1.30 -6.61 3.73
C SER A 275 -0.94 -7.95 3.11
N PHE A 276 -1.81 -8.47 2.25
CA PHE A 276 -1.51 -9.76 1.61
C PHE A 276 -0.30 -9.64 0.69
N LEU A 277 -0.26 -8.60 -0.12
CA LEU A 277 0.84 -8.39 -1.06
C LEU A 277 2.24 -8.46 -0.44
N PRO A 278 2.53 -7.68 0.62
CA PRO A 278 3.85 -7.71 1.24
C PRO A 278 4.03 -8.87 2.23
N GLY A 279 2.99 -9.65 2.43
CA GLY A 279 3.11 -10.76 3.36
C GLY A 279 3.01 -10.37 4.83
N VAL A 280 2.31 -9.28 5.13
CA VAL A 280 2.13 -8.85 6.53
C VAL A 280 0.97 -9.70 7.03
N PRO A 281 1.22 -10.59 8.00
CA PRO A 281 0.25 -11.53 8.59
C PRO A 281 -0.87 -11.04 9.50
N HIS A 282 -0.71 -9.87 10.11
CA HIS A 282 -1.74 -9.38 11.00
C HIS A 282 -2.02 -7.89 10.91
N VAL A 283 -3.30 -7.56 11.01
CA VAL A 283 -3.75 -6.18 11.01
C VAL A 283 -4.43 -5.99 12.35
N VAL A 284 -3.98 -5.00 13.11
CA VAL A 284 -4.59 -4.74 14.42
C VAL A 284 -5.41 -3.47 14.28
N ALA A 285 -6.69 -3.56 14.59
CA ALA A 285 -7.59 -2.43 14.48
C ALA A 285 -7.99 -1.82 15.81
N GLY A 286 -8.03 -0.49 15.83
CA GLY A 286 -8.45 0.22 17.01
C GLY A 286 -9.82 0.76 16.64
N PHE A 287 -10.85 0.37 17.38
CA PHE A 287 -12.19 0.86 17.08
C PHE A 287 -12.46 2.12 17.88
N ARG A 288 -12.79 3.21 17.18
CA ARG A 288 -13.01 4.48 17.86
C ARG A 288 -14.49 4.81 18.04
N ASN A 289 -14.80 5.48 19.14
CA ASN A 289 -16.17 5.88 19.40
C ASN A 289 -16.39 7.25 18.76
N PRO A 290 -17.64 7.75 18.77
CA PRO A 290 -17.92 9.06 18.18
C PRO A 290 -17.12 10.21 18.81
N GLU A 291 -16.67 10.02 20.05
CA GLU A 291 -15.90 11.06 20.72
C GLU A 291 -14.43 11.08 20.33
N GLY A 292 -14.01 10.12 19.51
CA GLY A 292 -12.64 10.09 19.07
C GLY A 292 -11.67 9.31 19.94
N PHE A 293 -12.18 8.39 20.74
CA PHE A 293 -11.33 7.56 21.60
C PHE A 293 -11.34 6.11 21.11
N VAL A 294 -10.19 5.45 21.16
CA VAL A 294 -10.16 4.04 20.80
C VAL A 294 -10.40 3.33 22.12
N CYS A 295 -11.51 2.61 22.21
N CYS A 295 -11.48 2.56 22.21
CA CYS A 295 -11.87 1.90 23.43
CA CYS A 295 -11.79 1.86 23.45
C CYS A 295 -11.82 0.38 23.30
C CYS A 295 -11.78 0.33 23.31
N SER A 296 -11.32 -0.10 22.17
N SER A 296 -11.38 -0.16 22.14
CA SER A 296 -11.21 -1.54 21.94
CA SER A 296 -11.31 -1.60 21.89
C SER A 296 -10.22 -1.84 20.83
C SER A 296 -10.34 -1.90 20.76
N LEU A 297 -9.66 -3.04 20.85
CA LEU A 297 -8.69 -3.46 19.84
C LEU A 297 -9.04 -4.86 19.39
N LYS A 298 -8.80 -5.16 18.12
CA LYS A 298 -9.06 -6.48 17.58
C LYS A 298 -8.03 -6.83 16.50
N THR A 299 -7.49 -8.04 16.58
CA THR A 299 -6.49 -8.49 15.62
C THR A 299 -7.16 -9.28 14.52
N PHE A 300 -6.84 -8.93 13.27
CA PHE A 300 -7.39 -9.61 12.10
C PHE A 300 -6.27 -10.28 11.31
N PRO A 301 -6.13 -11.60 11.44
CA PRO A 301 -5.09 -12.27 10.68
C PRO A 301 -5.41 -12.13 9.19
N THR A 302 -4.45 -11.65 8.41
CA THR A 302 -4.64 -11.45 6.98
C THR A 302 -5.20 -12.69 6.27
N MET A 303 -4.67 -13.86 6.58
CA MET A 303 -5.12 -15.07 5.93
C MET A 303 -6.52 -15.53 6.32
N GLU A 304 -7.12 -14.86 7.29
CA GLU A 304 -8.47 -15.24 7.73
C GLU A 304 -9.52 -14.20 7.38
N MET A 305 -9.10 -13.12 6.72
CA MET A 305 -10.05 -12.07 6.37
C MET A 305 -11.14 -12.55 5.41
N PHE A 306 -10.74 -13.27 4.38
CA PHE A 306 -11.69 -13.78 3.39
C PHE A 306 -12.79 -14.67 3.98
N GLU A 307 -12.48 -15.33 5.09
CA GLU A 307 -13.47 -16.22 5.72
C GLU A 307 -14.78 -15.52 6.02
N ASN A 308 -14.69 -14.23 6.32
CA ASN A 308 -15.86 -13.42 6.64
C ASN A 308 -16.82 -13.20 5.49
N VAL A 309 -16.37 -13.41 4.25
CA VAL A 309 -17.23 -13.21 3.09
C VAL A 309 -17.24 -14.38 2.11
N ARG A 310 -16.61 -15.49 2.50
N ARG A 310 -16.61 -15.49 2.50
CA ARG A 310 -16.53 -16.67 1.63
CA ARG A 310 -16.53 -16.67 1.65
C ARG A 310 -17.88 -17.18 1.15
C ARG A 310 -17.87 -17.20 1.16
N ASN A 311 -18.91 -17.05 1.98
CA ASN A 311 -20.24 -17.52 1.62
C ASN A 311 -21.22 -16.35 1.58
N ASP A 312 -20.71 -15.20 1.16
CA ASP A 312 -21.50 -13.98 1.08
C ASP A 312 -21.78 -13.66 -0.39
N ARG A 313 -23.07 -13.56 -0.73
CA ARG A 313 -23.46 -13.26 -2.11
C ARG A 313 -22.97 -11.90 -2.57
N GLU A 314 -22.68 -11.02 -1.62
N GLU A 314 -22.68 -11.01 -1.62
CA GLU A 314 -22.20 -9.67 -1.92
CA GLU A 314 -22.19 -9.68 -1.96
C GLU A 314 -20.76 -9.49 -1.44
C GLU A 314 -20.76 -9.48 -1.47
N GLY A 315 -20.05 -10.59 -1.28
CA GLY A 315 -18.67 -10.50 -0.82
C GLY A 315 -17.65 -10.40 -1.92
N TRP A 316 -16.38 -10.29 -1.54
CA TRP A 316 -15.27 -10.19 -2.49
C TRP A 316 -14.52 -11.53 -2.48
N ASN A 317 -13.67 -11.74 -3.49
CA ASN A 317 -12.93 -12.98 -3.60
C ASN A 317 -11.47 -12.71 -3.98
N PRO A 318 -10.52 -13.15 -3.15
CA PRO A 318 -9.08 -12.95 -3.39
C PRO A 318 -8.64 -13.40 -4.78
N SER A 319 -9.22 -14.49 -5.27
CA SER A 319 -8.87 -15.00 -6.60
C SER A 319 -9.25 -14.02 -7.69
N VAL A 320 -10.38 -13.34 -7.52
CA VAL A 320 -10.83 -12.36 -8.52
C VAL A 320 -9.84 -11.19 -8.50
N CYS A 321 -9.48 -10.74 -7.30
CA CYS A 321 -8.53 -9.64 -7.15
C CYS A 321 -7.20 -9.95 -7.80
N MET A 322 -6.63 -11.11 -7.45
CA MET A 322 -5.34 -11.50 -8.00
C MET A 322 -5.38 -11.83 -9.49
N ASN A 323 -6.46 -12.46 -9.96
CA ASN A 323 -6.53 -12.77 -11.38
C ASN A 323 -6.66 -11.51 -12.21
N PHE A 324 -7.36 -10.50 -11.70
CA PHE A 324 -7.47 -9.26 -12.44
C PHE A 324 -6.11 -8.58 -12.46
N CYS A 325 -5.44 -8.57 -11.31
CA CYS A 325 -4.12 -7.94 -11.24
C CYS A 325 -3.19 -8.60 -12.25
N ALA A 326 -3.21 -9.93 -12.29
CA ALA A 326 -2.35 -10.65 -13.23
C ALA A 326 -2.71 -10.25 -14.66
N ALA A 327 -4.01 -10.14 -14.94
CA ALA A 327 -4.47 -9.76 -16.27
C ALA A 327 -4.01 -8.35 -16.62
N PHE A 328 -4.05 -7.45 -15.65
CA PHE A 328 -3.61 -6.07 -15.90
C PHE A 328 -2.12 -6.02 -16.23
N LEU A 329 -1.31 -6.75 -15.47
CA LEU A 329 0.12 -6.77 -15.70
C LEU A 329 0.43 -7.30 -17.10
N SER A 330 -0.31 -8.31 -17.53
N SER A 330 -0.31 -8.32 -17.53
CA SER A 330 -0.12 -8.88 -18.85
CA SER A 330 -0.10 -8.88 -18.86
C SER A 330 -0.51 -7.85 -19.89
C SER A 330 -0.51 -7.85 -19.90
N PHE A 331 -1.62 -7.16 -19.63
CA PHE A 331 -2.14 -6.14 -20.53
C PHE A 331 -1.13 -5.00 -20.64
N ALA A 332 -0.59 -4.57 -19.50
CA ALA A 332 0.38 -3.49 -19.48
C ALA A 332 1.65 -3.91 -20.22
N GLN A 333 2.15 -5.10 -19.93
CA GLN A 333 3.35 -5.60 -20.58
C GLN A 333 3.22 -5.66 -22.11
N SER A 334 2.09 -6.17 -22.60
N SER A 334 2.09 -6.17 -22.59
CA SER A 334 1.88 -6.28 -24.03
CA SER A 334 1.85 -6.29 -24.02
C SER A 334 1.60 -4.94 -24.69
C SER A 334 1.62 -4.94 -24.68
N THR A 335 1.09 -4.00 -23.90
CA THR A 335 0.80 -2.66 -24.41
C THR A 335 2.04 -1.77 -24.51
N VAL A 336 2.88 -1.82 -23.50
CA VAL A 336 4.11 -1.02 -23.48
C VAL A 336 5.22 -1.77 -24.19
N VAL A 337 5.27 -1.66 -25.51
CA VAL A 337 6.28 -2.35 -26.30
C VAL A 337 7.60 -1.57 -26.34
N GLN A 338 7.49 -0.27 -26.56
CA GLN A 338 8.65 0.61 -26.66
C GLN A 338 9.44 0.80 -25.37
N ASP A 339 10.74 0.52 -25.42
CA ASP A 339 11.62 0.70 -24.28
C ASP A 339 12.09 2.15 -24.40
N ASP A 340 11.57 3.02 -23.53
CA ASP A 340 11.89 4.43 -23.57
C ASP A 340 11.44 5.05 -22.25
N PRO A 341 12.39 5.57 -21.45
CA PRO A 341 12.04 6.16 -20.16
C PRO A 341 11.32 7.51 -20.25
N ARG A 342 11.25 8.07 -21.46
CA ARG A 342 10.58 9.35 -21.67
C ARG A 342 9.16 9.14 -22.18
N LEU A 343 8.84 7.88 -22.48
CA LEU A 343 7.51 7.54 -22.99
C LEU A 343 6.63 6.98 -21.89
N VAL A 344 5.36 7.37 -21.91
CA VAL A 344 4.42 6.90 -20.92
C VAL A 344 3.11 6.42 -21.53
N HIS A 345 2.68 5.25 -21.09
CA HIS A 345 1.39 4.73 -21.50
C HIS A 345 0.60 4.92 -20.23
N LEU A 346 -0.44 5.75 -20.32
CA LEU A 346 -1.27 6.05 -19.17
C LEU A 346 -2.49 5.13 -19.15
N PHE A 347 -2.62 4.35 -18.09
CA PHE A 347 -3.77 3.45 -17.95
C PHE A 347 -4.76 4.14 -17.01
N SER A 348 -5.93 4.47 -17.55
CA SER A 348 -6.96 5.15 -16.79
C SER A 348 -8.16 4.27 -16.55
N TRP A 349 -8.74 4.39 -15.35
CA TRP A 349 -9.91 3.60 -15.01
C TRP A 349 -10.84 4.33 -14.06
N GLU A 350 -12.14 4.21 -14.33
CA GLU A 350 -13.17 4.79 -13.49
C GLU A 350 -14.22 3.69 -13.31
N PRO A 351 -14.85 3.64 -12.14
CA PRO A 351 -15.87 2.60 -11.90
C PRO A 351 -16.92 2.57 -13.01
N GLY A 352 -17.36 1.36 -13.38
CA GLY A 352 -18.37 1.21 -14.41
C GLY A 352 -17.83 1.08 -15.82
N GLY A 353 -16.52 1.20 -15.99
CA GLY A 353 -15.93 1.08 -17.31
C GLY A 353 -14.66 0.26 -17.33
N PRO A 354 -14.06 0.06 -18.52
CA PRO A 354 -12.83 -0.71 -18.65
C PRO A 354 -11.61 0.17 -18.45
N VAL A 355 -10.43 -0.44 -18.37
CA VAL A 355 -9.19 0.30 -18.23
C VAL A 355 -8.81 0.72 -19.64
N THR A 356 -8.61 2.01 -19.87
CA THR A 356 -8.24 2.50 -21.20
C THR A 356 -6.81 3.04 -21.19
N VAL A 357 -6.23 3.18 -22.39
CA VAL A 357 -4.84 3.64 -22.50
C VAL A 357 -4.64 4.84 -23.41
N SER A 358 -3.75 5.75 -22.98
CA SER A 358 -3.40 6.93 -23.77
C SER A 358 -1.87 7.00 -23.73
N VAL A 359 -1.26 7.56 -24.78
CA VAL A 359 0.20 7.65 -24.87
C VAL A 359 0.68 9.09 -24.73
N HIS A 360 1.77 9.27 -23.98
CA HIS A 360 2.32 10.59 -23.70
C HIS A 360 3.86 10.58 -23.66
N ARG A 361 4.46 11.76 -23.84
N ARG A 361 4.46 11.76 -23.83
CA ARG A 361 5.92 11.89 -23.81
CA ARG A 361 5.91 11.88 -23.80
C ARG A 361 6.38 13.02 -22.89
C ARG A 361 6.37 13.00 -22.88
N ASP A 362 7.51 12.79 -22.23
CA ASP A 362 8.09 13.78 -21.33
C ASP A 362 7.11 14.38 -20.32
N ALA A 363 7.37 15.62 -19.90
CA ALA A 363 6.51 16.28 -18.92
C ALA A 363 5.10 16.44 -19.45
N PRO A 364 4.09 16.35 -18.57
CA PRO A 364 4.22 16.12 -17.12
C PRO A 364 4.16 14.65 -16.70
N TYR A 365 3.74 13.76 -17.59
CA TYR A 365 3.62 12.35 -17.23
C TYR A 365 4.90 11.55 -17.02
N ALA A 366 5.97 11.85 -17.78
CA ALA A 366 7.22 11.11 -17.62
C ALA A 366 7.64 11.20 -16.15
N PHE A 367 7.99 10.06 -15.56
CA PHE A 367 8.32 10.03 -14.14
C PHE A 367 9.69 9.48 -13.74
N LEU A 368 10.39 8.85 -14.67
CA LEU A 368 11.72 8.32 -14.36
C LEU A 368 12.68 9.51 -14.41
N PRO A 369 13.30 9.86 -13.27
CA PRO A 369 14.22 11.00 -13.24
C PRO A 369 15.56 10.74 -13.93
N SER A 370 16.16 11.82 -14.43
N SER A 370 16.16 11.81 -14.44
CA SER A 370 17.44 11.76 -15.10
CA SER A 370 17.45 11.71 -15.12
C SER A 370 18.52 11.13 -14.23
C SER A 370 18.52 11.11 -14.22
N TRP A 371 18.51 11.44 -12.93
CA TRP A 371 19.53 10.88 -12.05
C TRP A 371 19.45 9.37 -12.02
N TYR A 372 18.26 8.82 -12.25
CA TYR A 372 18.09 7.37 -12.27
C TYR A 372 18.48 6.83 -13.63
N VAL A 373 17.87 7.40 -14.68
CA VAL A 373 18.11 7.00 -16.05
C VAL A 373 19.59 7.05 -16.46
N GLU A 374 20.23 8.18 -16.21
CA GLU A 374 21.64 8.33 -16.58
C GLU A 374 22.54 7.29 -15.92
N THR A 375 22.34 7.08 -14.62
CA THR A 375 23.15 6.11 -13.89
C THR A 375 22.95 4.70 -14.42
N MET A 376 21.69 4.32 -14.64
CA MET A 376 21.39 2.99 -15.16
C MET A 376 21.94 2.82 -16.58
N THR A 377 21.90 3.89 -17.36
CA THR A 377 22.40 3.84 -18.73
C THR A 377 23.91 3.60 -18.77
N GLN A 378 24.63 4.36 -17.95
CA GLN A 378 26.09 4.24 -17.88
C GLN A 378 26.51 2.86 -17.39
P U37 B 2 -2.76 3.19 6.04
S U37 B 2 -3.81 3.01 4.40
O1P U37 B 2 -2.95 2.25 7.16
O5' U37 B 2 -3.00 4.66 6.60
C5' U37 B 2 -2.54 5.05 7.89
C4' U37 B 2 -3.20 6.35 8.29
O4' U37 B 2 -2.77 7.39 7.37
C3' U37 B 2 -4.72 6.34 8.17
O3' U37 B 2 -5.28 5.84 9.38
C2' U37 B 2 -5.03 7.82 7.99
O2' U37 B 2 -4.97 8.54 9.20
C1' U37 B 2 -3.86 8.25 7.10
N1 U37 B 2 -4.14 8.18 5.66
C2 U37 B 2 -4.81 9.25 5.09
O2 U37 B 2 -5.17 10.22 5.73
N3 U37 B 2 -5.03 9.14 3.73
C4 U37 B 2 -4.67 8.09 2.92
O4 U37 B 2 -4.94 8.14 1.72
C5 U37 B 2 -3.99 7.02 3.59
C6 U37 B 2 -3.77 7.10 4.90
P U37 B 3 -6.58 4.89 9.33
S U37 B 3 -6.32 3.51 7.97
O1P U37 B 3 -6.90 4.58 10.74
O5' U37 B 3 -7.72 5.85 8.77
C5' U37 B 3 -8.20 6.93 9.55
C4' U37 B 3 -9.13 7.78 8.72
O4' U37 B 3 -8.37 8.38 7.63
C3' U37 B 3 -10.24 7.02 8.01
O3' U37 B 3 -11.34 6.82 8.89
C2' U37 B 3 -10.58 7.96 6.86
O2' U37 B 3 -11.39 9.06 7.28
C1' U37 B 3 -9.18 8.49 6.48
N1 U37 B 3 -8.57 7.70 5.41
C2 U37 B 3 -8.82 8.09 4.10
O2 U37 B 3 -9.49 9.08 3.82
N3 U37 B 3 -8.25 7.30 3.14
C4 U37 B 3 -7.46 6.18 3.34
O4 U37 B 3 -7.02 5.57 2.36
C5 U37 B 3 -7.24 5.85 4.71
C6 U37 B 3 -7.79 6.59 5.68
C2 UBD C . -15.95 -2.93 -17.47
C4 UBD C . -17.27 -2.56 -15.47
C5 UBD C . -18.33 -2.14 -16.26
C6 UBD C . -18.18 -2.13 -17.65
N1 UBD C . -16.98 -2.53 -18.23
O2 UBD C . -14.90 -3.31 -18.00
P1 UBD C . -21.27 -1.02 -20.29
O1P UBD C . -22.15 -2.09 -19.48
O2P UBD C . -21.03 0.19 -19.47
O3P UBD C . -22.07 -0.46 -21.57
O5' UBD C . -19.86 -1.66 -20.74
C5' UBD C . -19.06 -1.01 -21.73
C4' UBD C . -17.62 -1.49 -21.63
O4' UBD C . -17.16 -1.24 -20.29
C3' UBD C . -17.55 -3.01 -21.81
O3' UBD C . -16.25 -3.40 -22.24
C2' UBD C . -17.80 -3.47 -20.39
O2' UBD C . -17.34 -4.82 -20.23
C1' UBD C . -16.84 -2.52 -19.70
N3 UBD C . -16.07 -2.95 -16.07
O4 UBD C . -17.36 -2.54 -14.24
P2 UBD C . -15.83 -3.28 -23.78
O4P UBD C . -14.72 -4.41 -24.05
O5P UBD C . -17.14 -3.71 -24.62
O6P UBD C . -15.35 -1.92 -24.14
C2 UBD D . 25.85 -0.37 -3.59
C4 UBD D . 24.94 -1.53 -5.52
C5 UBD D . 25.20 -0.40 -6.30
C6 UBD D . 25.78 0.71 -5.71
N1 UBD D . 26.10 0.71 -4.34
O2 UBD D . 26.16 -0.37 -2.40
P1 UBD D . 25.21 5.06 -7.22
O1P UBD D . 26.35 5.81 -8.08
O2P UBD D . 23.99 6.07 -6.90
O3P UBD D . 24.57 3.98 -8.00
O5' UBD D . 25.82 4.49 -5.85
C5' UBD D . 25.38 5.02 -4.59
C4' UBD D . 25.97 4.20 -3.43
O4' UBD D . 25.43 2.87 -3.49
C3' UBD D . 27.47 4.03 -3.67
O3' UBD D . 28.14 3.80 -2.42
C2' UBD D . 27.49 2.78 -4.52
O2' UBD D . 28.79 2.17 -4.49
C1' UBD D . 26.52 1.97 -3.68
N3 UBD D . 25.27 -1.51 -4.16
O4 UBD D . 24.44 -2.53 -6.02
P2 UBD D . 28.46 5.04 -1.44
O4P UBD D . 29.92 4.75 -0.82
O5P UBD D . 28.63 6.33 -2.38
O6P UBD D . 27.43 5.21 -0.39
CA CA E . -1.57 1.59 9.03
#